data_8DWZ
#
_entry.id   8DWZ
#
_cell.length_a   69.830
_cell.length_b   94.400
_cell.length_c   29.770
_cell.angle_alpha   90.000
_cell.angle_beta   90.000
_cell.angle_gamma   90.000
#
_symmetry.space_group_name_H-M   'P 21 21 2'
#
loop_
_entity.id
_entity.type
_entity.pdbx_description
1 polymer 'Sensor protein VanS'
2 non-polymer 'CADMIUM ION'
3 water water
#
_entity_poly.entity_id   1
_entity_poly.type   'polypeptide(L)'
_entity_poly.pdbx_seq_one_letter_code
;NLQTITLTKTHIDLYYMLVQMTDEFYPQLSAHGKQAVIHAPEDLTVSGDPDKLARVFNNILKNAAAYSEDNSIIDITAGL
SGDVVSIEFKNTGSIPKDKLAAIFEKFYRLDNARSSDTGGAGLGLAIAKEIIVQHGGQIYAESNDNYTTFRVELPAMPDL
VDKRRS
;
_entity_poly.pdbx_strand_id   A
#
loop_
_chem_comp.id
_chem_comp.type
_chem_comp.name
_chem_comp.formula
CD non-polymer 'CADMIUM ION' 'Cd 2'
#
# COMPACT_ATOMS: atom_id res chain seq x y z
N THR A 10 -4.59 -21.60 6.52
CA THR A 10 -4.99 -20.56 5.57
C THR A 10 -3.91 -19.48 5.37
N HIS A 11 -3.88 -18.91 4.18
CA HIS A 11 -2.85 -17.91 3.86
C HIS A 11 -3.23 -17.16 2.59
N ILE A 12 -2.57 -16.03 2.40
CA ILE A 12 -2.77 -15.11 1.28
C ILE A 12 -1.50 -15.13 0.43
N ASP A 13 -1.65 -15.42 -0.86
CA ASP A 13 -0.54 -15.29 -1.80
C ASP A 13 -0.45 -13.82 -2.18
N LEU A 14 0.45 -13.11 -1.50
CA LEU A 14 0.43 -11.66 -1.45
C LEU A 14 0.78 -11.03 -2.80
N TYR A 15 1.67 -11.66 -3.57
CA TYR A 15 2.06 -11.08 -4.85
C TYR A 15 0.87 -11.01 -5.80
N TYR A 16 0.07 -12.08 -5.84
CA TYR A 16 -1.08 -12.08 -6.75
C TYR A 16 -2.23 -11.24 -6.24
N MET A 17 -2.32 -10.99 -4.92
CA MET A 17 -3.29 -10.02 -4.44
C MET A 17 -2.90 -8.60 -4.88
N LEU A 18 -1.62 -8.25 -4.76
CA LEU A 18 -1.19 -6.92 -5.19
C LEU A 18 -1.32 -6.72 -6.70
N VAL A 19 -1.08 -7.78 -7.48
CA VAL A 19 -1.20 -7.69 -8.93
C VAL A 19 -2.65 -7.44 -9.34
N GLN A 20 -3.60 -8.13 -8.69
CA GLN A 20 -4.99 -7.92 -9.06
C GLN A 20 -5.45 -6.53 -8.68
N MET A 21 -4.98 -6.00 -7.55
CA MET A 21 -5.27 -4.62 -7.21
C MET A 21 -4.68 -3.67 -8.25
N THR A 22 -3.40 -3.86 -8.58
CA THR A 22 -2.75 -3.07 -9.62
C THR A 22 -3.55 -3.06 -10.91
N ASP A 23 -4.10 -4.21 -11.32
CA ASP A 23 -4.83 -4.25 -12.59
C ASP A 23 -6.14 -3.48 -12.50
N GLU A 24 -6.74 -3.42 -11.30
CA GLU A 24 -7.95 -2.64 -11.14
C GLU A 24 -7.69 -1.13 -11.24
N PHE A 25 -6.50 -0.69 -10.86
CA PHE A 25 -6.16 0.72 -10.87
C PHE A 25 -5.57 1.19 -12.18
N TYR A 26 -5.34 0.27 -13.12
CA TYR A 26 -4.64 0.62 -14.34
C TYR A 26 -5.31 1.74 -15.14
N PRO A 27 -6.64 1.76 -15.34
CA PRO A 27 -7.21 2.90 -16.10
C PRO A 27 -7.00 4.23 -15.42
N GLN A 28 -7.36 4.33 -14.13
CA GLN A 28 -7.07 5.49 -13.32
C GLN A 28 -5.61 5.94 -13.47
N LEU A 29 -4.67 5.00 -13.42
CA LEU A 29 -3.28 5.41 -13.39
C LEU A 29 -2.77 5.81 -14.77
N SER A 30 -3.15 5.06 -15.81
CA SER A 30 -2.66 5.32 -17.15
C SER A 30 -3.22 6.62 -17.72
N ALA A 31 -4.39 7.05 -17.26
CA ALA A 31 -4.95 8.31 -17.73
C ALA A 31 -4.03 9.48 -17.40
N HIS A 32 -3.21 9.35 -16.36
CA HIS A 32 -2.27 10.39 -15.98
C HIS A 32 -0.83 10.00 -16.27
N GLY A 33 -0.63 8.97 -17.10
CA GLY A 33 0.70 8.51 -17.41
C GLY A 33 1.42 7.91 -16.23
N LYS A 34 0.70 7.55 -15.17
CA LYS A 34 1.35 6.92 -14.05
C LYS A 34 1.33 5.41 -14.22
N GLN A 35 2.13 4.75 -13.40
CA GLN A 35 2.32 3.31 -13.47
C GLN A 35 2.59 2.79 -12.07
N ALA A 36 1.95 1.70 -11.72
CA ALA A 36 2.26 0.97 -10.51
C ALA A 36 3.13 -0.24 -10.86
N VAL A 37 4.19 -0.47 -10.07
CA VAL A 37 5.10 -1.59 -10.29
C VAL A 37 5.31 -2.33 -8.97
N ILE A 38 5.14 -3.65 -9.01
CA ILE A 38 5.27 -4.49 -7.83
C ILE A 38 6.65 -5.12 -7.83
N HIS A 39 7.33 -5.04 -6.69
CA HIS A 39 8.62 -5.69 -6.46
C HIS A 39 8.44 -6.63 -5.26
N ALA A 40 8.26 -7.91 -5.55
CA ALA A 40 8.01 -8.86 -4.47
C ALA A 40 8.40 -10.25 -4.90
N PRO A 41 8.92 -11.09 -3.99
CA PRO A 41 8.97 -12.53 -4.29
C PRO A 41 7.58 -13.06 -4.61
N GLU A 42 7.42 -13.59 -5.82
CA GLU A 42 6.18 -14.26 -6.17
C GLU A 42 5.80 -15.36 -5.18
N ASP A 43 6.72 -15.78 -4.31
CA ASP A 43 6.56 -16.85 -3.33
C ASP A 43 6.01 -16.37 -1.99
N LEU A 44 5.74 -15.07 -1.84
CA LEU A 44 5.52 -14.48 -0.52
C LEU A 44 4.08 -14.69 -0.04
N THR A 45 3.93 -15.02 1.24
CA THR A 45 2.62 -15.33 1.81
C THR A 45 2.50 -14.69 3.18
N VAL A 46 1.24 -14.39 3.58
CA VAL A 46 0.87 -13.91 4.90
C VAL A 46 -0.47 -14.52 5.29
N SER A 47 -0.71 -14.62 6.59
CA SER A 47 -2.02 -15.03 7.07
C SER A 47 -2.86 -13.79 7.42
N GLY A 48 -4.16 -13.98 7.42
CA GLY A 48 -5.08 -12.92 7.76
C GLY A 48 -6.37 -13.09 6.98
N ASP A 49 -7.29 -12.11 7.16
CA ASP A 49 -8.54 -12.05 6.43
C ASP A 49 -8.23 -11.53 5.03
N PRO A 50 -8.36 -12.37 4.00
CA PRO A 50 -7.98 -11.92 2.65
C PRO A 50 -8.79 -10.74 2.14
N ASP A 51 -10.13 -10.77 2.26
CA ASP A 51 -10.90 -9.66 1.73
C ASP A 51 -10.63 -8.37 2.51
N LYS A 52 -10.25 -8.47 3.78
CA LYS A 52 -9.96 -7.26 4.54
C LYS A 52 -8.61 -6.67 4.17
N LEU A 53 -7.57 -7.52 4.05
CA LEU A 53 -6.27 -7.02 3.66
C LEU A 53 -6.32 -6.40 2.27
N ALA A 54 -7.07 -7.01 1.36
CA ALA A 54 -7.21 -6.41 0.03
C ALA A 54 -7.80 -4.99 0.12
N ARG A 55 -8.73 -4.76 1.05
CA ARG A 55 -9.28 -3.40 1.20
C ARG A 55 -8.23 -2.45 1.75
N VAL A 56 -7.38 -2.95 2.65
CA VAL A 56 -6.28 -2.12 3.15
C VAL A 56 -5.41 -1.64 1.99
N PHE A 57 -5.02 -2.56 1.11
CA PHE A 57 -4.09 -2.21 0.05
C PHE A 57 -4.75 -1.33 -1.00
N ASN A 58 -6.04 -1.59 -1.26
CA ASN A 58 -6.79 -0.71 -2.15
C ASN A 58 -6.88 0.70 -1.58
N ASN A 59 -7.15 0.82 -0.28
CA ASN A 59 -7.25 2.15 0.32
C ASN A 59 -5.92 2.89 0.29
N ILE A 60 -4.81 2.18 0.50
CA ILE A 60 -3.51 2.84 0.44
C ILE A 60 -3.19 3.29 -0.99
N LEU A 61 -3.42 2.41 -1.96
CA LEU A 61 -3.13 2.77 -3.35
C LEU A 61 -4.00 3.93 -3.81
N LYS A 62 -5.23 4.03 -3.28
CA LYS A 62 -6.07 5.18 -3.57
C LYS A 62 -5.39 6.48 -3.13
N ASN A 63 -4.76 6.48 -1.96
CA ASN A 63 -4.06 7.68 -1.52
C ASN A 63 -2.82 7.93 -2.38
N ALA A 64 -2.07 6.87 -2.70
CA ALA A 64 -0.88 7.02 -3.51
C ALA A 64 -1.23 7.53 -4.90
N ALA A 65 -2.31 7.02 -5.47
CA ALA A 65 -2.76 7.52 -6.77
C ALA A 65 -3.15 9.00 -6.72
N ALA A 66 -3.81 9.42 -5.64
CA ALA A 66 -4.34 10.79 -5.59
C ALA A 66 -3.23 11.82 -5.35
N TYR A 67 -2.14 11.44 -4.69
CA TYR A 67 -1.07 12.38 -4.40
C TYR A 67 0.15 12.19 -5.26
N SER A 68 0.11 11.24 -6.19
CA SER A 68 1.26 10.99 -7.04
C SER A 68 1.25 11.97 -8.21
N GLU A 69 2.44 12.36 -8.62
CA GLU A 69 2.56 13.30 -9.73
C GLU A 69 2.28 12.61 -11.05
N ASP A 70 1.82 13.40 -12.02
CA ASP A 70 1.63 12.89 -13.36
C ASP A 70 2.94 12.28 -13.89
N ASN A 71 2.80 11.20 -14.67
CA ASN A 71 3.93 10.61 -15.39
C ASN A 71 4.99 10.06 -14.45
N SER A 72 4.56 9.51 -13.32
CA SER A 72 5.49 8.93 -12.36
C SER A 72 5.11 7.50 -12.04
N ILE A 73 6.00 6.83 -11.31
CA ILE A 73 5.84 5.43 -10.96
C ILE A 73 5.46 5.34 -9.49
N ILE A 74 4.56 4.41 -9.17
CA ILE A 74 4.21 4.07 -7.79
C ILE A 74 4.85 2.72 -7.53
N ASP A 75 5.83 2.69 -6.63
CA ASP A 75 6.52 1.46 -6.30
C ASP A 75 5.87 0.76 -5.10
N ILE A 76 5.49 -0.49 -5.29
CA ILE A 76 4.96 -1.34 -4.22
C ILE A 76 5.98 -2.46 -3.98
N THR A 77 6.73 -2.36 -2.89
CA THR A 77 7.76 -3.34 -2.53
C THR A 77 7.29 -4.17 -1.34
N ALA A 78 7.22 -5.49 -1.53
CA ALA A 78 6.78 -6.39 -0.47
C ALA A 78 7.87 -7.43 -0.24
N GLY A 79 8.18 -7.67 1.04
CA GLY A 79 9.20 -8.65 1.36
C GLY A 79 9.06 -9.16 2.78
N LEU A 80 9.83 -10.21 3.04
CA LEU A 80 9.89 -10.86 4.34
C LEU A 80 11.23 -10.55 4.98
N SER A 81 11.20 -10.08 6.22
CA SER A 81 12.42 -9.83 6.99
C SER A 81 12.12 -10.10 8.45
N GLY A 82 12.71 -11.18 9.00
CA GLY A 82 12.51 -11.49 10.40
C GLY A 82 11.14 -12.08 10.65
N ASP A 83 10.41 -11.51 11.62
CA ASP A 83 9.06 -11.95 11.92
C ASP A 83 8.00 -11.21 11.10
N VAL A 84 8.42 -10.28 10.24
CA VAL A 84 7.55 -9.25 9.69
C VAL A 84 7.51 -9.36 8.16
N VAL A 85 6.32 -9.22 7.61
CA VAL A 85 6.14 -9.03 6.18
C VAL A 85 5.77 -7.57 5.98
N SER A 86 6.56 -6.87 5.18
CA SER A 86 6.36 -5.45 4.95
C SER A 86 5.91 -5.23 3.51
N ILE A 87 4.94 -4.33 3.35
CA ILE A 87 4.49 -3.87 2.04
C ILE A 87 4.60 -2.36 2.04
N GLU A 88 5.48 -1.83 1.19
CA GLU A 88 5.76 -0.40 1.16
C GLU A 88 5.28 0.19 -0.16
N PHE A 89 4.48 1.27 -0.05
CA PHE A 89 4.01 2.04 -1.20
C PHE A 89 4.76 3.36 -1.19
N LYS A 90 5.55 3.59 -2.22
CA LYS A 90 6.30 4.84 -2.38
C LYS A 90 5.84 5.50 -3.68
N ASN A 91 5.55 6.80 -3.61
CA ASN A 91 5.19 7.56 -4.79
C ASN A 91 5.90 8.91 -4.76
N THR A 92 6.03 9.52 -5.93
CA THR A 92 6.55 10.87 -6.07
C THR A 92 5.41 11.86 -5.90
N GLY A 93 5.63 12.85 -5.04
CA GLY A 93 4.57 13.78 -4.70
C GLY A 93 4.41 13.84 -3.20
N SER A 94 3.76 14.89 -2.71
CA SER A 94 3.70 15.16 -1.29
C SER A 94 2.28 15.15 -0.80
N ILE A 95 2.09 14.70 0.43
CA ILE A 95 0.84 14.93 1.14
C ILE A 95 1.03 16.21 1.95
N PRO A 96 0.07 17.12 1.94
CA PRO A 96 0.12 18.26 2.86
C PRO A 96 0.26 17.76 4.28
N LYS A 97 1.13 18.43 5.05
CA LYS A 97 1.46 17.94 6.38
C LYS A 97 0.22 17.85 7.27
N ASP A 98 -0.74 18.75 7.09
CA ASP A 98 -1.97 18.68 7.86
C ASP A 98 -2.86 17.53 7.40
N LYS A 99 -2.92 17.29 6.09
CA LYS A 99 -3.64 16.12 5.58
C LYS A 99 -2.95 14.82 5.99
N LEU A 100 -1.62 14.84 6.13
CA LEU A 100 -0.90 13.65 6.55
C LEU A 100 -1.13 13.37 8.03
N ALA A 101 -1.01 14.41 8.87
CA ALA A 101 -1.23 14.23 10.31
C ALA A 101 -2.67 13.87 10.65
N ALA A 102 -3.58 13.88 9.68
CA ALA A 102 -4.97 13.52 9.89
C ALA A 102 -5.34 12.18 9.29
N ILE A 103 -4.42 11.55 8.55
CA ILE A 103 -4.76 10.40 7.72
C ILE A 103 -5.32 9.22 8.52
N PHE A 104 -5.07 9.13 9.82
CA PHE A 104 -5.51 7.97 10.59
C PHE A 104 -6.67 8.26 11.55
N GLY A 122 -12.93 10.50 1.34
CA GLY A 122 -12.78 9.27 0.58
C GLY A 122 -11.41 8.61 0.69
N LEU A 123 -10.47 9.26 1.36
CA LEU A 123 -9.11 8.74 1.49
C LEU A 123 -8.72 8.37 2.91
N GLY A 124 -9.63 8.55 3.89
CA GLY A 124 -9.37 8.15 5.26
C GLY A 124 -8.84 6.74 5.42
N LEU A 125 -7.78 6.60 6.22
CA LEU A 125 -7.13 5.31 6.44
C LEU A 125 -7.38 4.76 7.83
N ALA A 126 -8.38 5.29 8.53
CA ALA A 126 -8.67 4.86 9.90
C ALA A 126 -9.15 3.41 9.94
N ILE A 127 -9.94 3.00 8.94
CA ILE A 127 -10.43 1.63 8.88
C ILE A 127 -9.30 0.69 8.45
N ALA A 128 -8.53 1.08 7.43
CA ALA A 128 -7.34 0.33 7.05
C ALA A 128 -6.41 0.14 8.23
N LYS A 129 -6.28 1.16 9.09
CA LYS A 129 -5.41 1.05 10.24
C LYS A 129 -5.95 0.06 11.26
N GLU A 130 -7.24 0.14 11.60
CA GLU A 130 -7.76 -0.81 12.59
C GLU A 130 -7.75 -2.23 12.03
N ILE A 131 -8.00 -2.41 10.73
CA ILE A 131 -7.87 -3.73 10.14
C ILE A 131 -6.45 -4.26 10.33
N ILE A 132 -5.46 -3.42 10.05
CA ILE A 132 -4.06 -3.82 10.23
C ILE A 132 -3.77 -4.03 11.71
N VAL A 133 -4.31 -3.16 12.56
CA VAL A 133 -4.12 -3.31 14.00
C VAL A 133 -4.71 -4.64 14.48
N GLN A 134 -5.91 -5.00 14.00
CA GLN A 134 -6.53 -6.26 14.40
C GLN A 134 -5.72 -7.46 13.93
N HIS A 135 -4.94 -7.30 12.88
CA HIS A 135 -4.05 -8.36 12.42
C HIS A 135 -2.76 -8.42 13.22
N GLY A 136 -2.62 -7.59 14.24
CA GLY A 136 -1.36 -7.50 14.95
C GLY A 136 -0.24 -6.86 14.17
N GLY A 137 -0.56 -5.92 13.29
CA GLY A 137 0.46 -5.21 12.54
C GLY A 137 0.45 -3.71 12.75
N GLN A 138 1.06 -2.97 11.83
CA GLN A 138 1.16 -1.52 11.94
C GLN A 138 1.20 -0.92 10.55
N ILE A 139 0.74 0.33 10.44
CA ILE A 139 0.83 1.14 9.23
C ILE A 139 1.59 2.41 9.56
N TYR A 140 2.57 2.74 8.73
CA TYR A 140 3.31 3.98 8.83
C TYR A 140 3.08 4.80 7.58
N ALA A 141 2.93 6.11 7.76
CA ALA A 141 2.79 7.05 6.66
C ALA A 141 3.80 8.17 6.88
N GLU A 142 4.60 8.46 5.84
CA GLU A 142 5.59 9.52 5.85
C GLU A 142 5.48 10.32 4.55
N SER A 143 5.83 11.60 4.63
CA SER A 143 5.90 12.42 3.42
C SER A 143 6.94 13.51 3.61
N ASN A 144 7.91 13.56 2.70
CA ASN A 144 8.75 14.73 2.50
C ASN A 144 8.32 15.41 1.20
N ASP A 145 9.03 16.46 0.82
CA ASP A 145 8.53 17.22 -0.33
C ASP A 145 8.81 16.56 -1.67
N ASN A 146 9.65 15.52 -1.71
CA ASN A 146 9.90 14.78 -2.94
C ASN A 146 9.03 13.52 -3.07
N TYR A 147 8.94 12.69 -2.04
CA TYR A 147 8.21 11.43 -2.19
C TYR A 147 7.44 11.10 -0.90
N THR A 148 6.54 10.14 -1.04
CA THR A 148 5.60 9.76 0.02
C THR A 148 5.68 8.25 0.22
N THR A 149 5.75 7.80 1.47
CA THR A 149 5.87 6.39 1.78
C THR A 149 4.73 5.93 2.70
N PHE A 150 4.06 4.85 2.29
CA PHE A 150 3.11 4.12 3.14
C PHE A 150 3.66 2.71 3.36
N ARG A 151 3.77 2.30 4.62
CA ARG A 151 4.37 1.01 4.96
C ARG A 151 3.42 0.19 5.83
N VAL A 152 3.05 -1.00 5.34
CA VAL A 152 2.27 -1.97 6.11
C VAL A 152 3.19 -3.08 6.60
N GLU A 153 3.14 -3.36 7.90
CA GLU A 153 3.85 -4.47 8.50
C GLU A 153 2.84 -5.45 9.09
N LEU A 154 3.05 -6.74 8.82
CA LEU A 154 2.18 -7.82 9.25
C LEU A 154 3.01 -8.98 9.77
N PRO A 155 2.54 -9.69 10.79
CA PRO A 155 3.27 -10.87 11.28
C PRO A 155 3.44 -11.92 10.18
N ALA A 156 4.65 -12.43 10.06
CA ALA A 156 4.89 -13.57 9.18
C ALA A 156 4.41 -14.85 9.84
N MET A 157 4.11 -15.84 9.00
CA MET A 157 3.61 -17.13 9.46
C MET A 157 4.67 -17.87 10.26
CD CD B . -0.34 -20.22 -1.96
CD CD C . 11.50 -4.68 -9.40
#